data_1DOH
#
_entry.id   1DOH
#
_cell.length_a   142.800
_cell.length_b   142.800
_cell.length_c   72.940
_cell.angle_alpha   90.00
_cell.angle_beta   90.00
_cell.angle_gamma   120.00
#
_symmetry.space_group_name_H-M   'P 31 2 1'
#
loop_
_entity.id
_entity.type
_entity.pdbx_description
1 polymer 'TRIHYDROXYNAPHTHALENE REDUCTASE'
2 non-polymer 'NADPH DIHYDRO-NICOTINAMIDE-ADENINE-DINUCLEOTIDE PHOSPHATE'
3 non-polymer 4-NITRO-INDEN-1-ONE
4 water water
#
_entity_poly.entity_id   1
_entity_poly.type   'polypeptide(L)'
_entity_poly.pdbx_seq_one_letter_code
;MPAVTQPRGESKYDAIPGPLGPQSASLEGKVALVTGAGRGIGREMAMELGRRGCKVIVNYANSTESAEEVVAAIKKNGSD
AACVKANVGVVEDIVRMFEEAVKIFGKLDIVCSNSGVVSFGHVKDVTPEEFDRVFTINTRGQFFVAREAYKHLEIGGRLI
LMGSITGQAKAVPKHAVYSGSKGAIETFARCMAIDMADKKITVNVVAPGGIKTDMYHAVCREYIPNGENLSNEEVDEYAA
VQWSPLRRVGLPIDIARVVCFLASNDGGWVTGKVIGIDGGACM
;
_entity_poly.pdbx_strand_id   A,B
#
# COMPACT_ATOMS: atom_id res chain seq x y z
N SER A 11 -13.19 -19.08 15.69
CA SER A 11 -14.05 -18.09 16.36
C SER A 11 -13.21 -17.04 17.05
N LYS A 12 -12.07 -17.45 17.61
CA LYS A 12 -11.15 -16.50 18.22
C LYS A 12 -10.60 -15.71 17.02
N TYR A 13 -10.69 -16.35 15.87
CA TYR A 13 -10.24 -15.80 14.61
C TYR A 13 -11.23 -14.79 14.06
N ASP A 14 -12.36 -14.63 14.74
CA ASP A 14 -13.37 -13.67 14.30
C ASP A 14 -13.20 -12.32 14.97
N ALA A 15 -12.27 -12.27 15.92
CA ALA A 15 -12.00 -11.04 16.63
C ALA A 15 -11.47 -9.97 15.68
N ILE A 16 -12.05 -8.78 15.73
CA ILE A 16 -11.61 -7.66 14.88
C ILE A 16 -10.32 -7.11 15.42
N PRO A 17 -9.26 -7.08 14.59
CA PRO A 17 -8.00 -6.54 15.08
C PRO A 17 -8.00 -5.01 15.07
N GLY A 18 -7.99 -4.41 16.26
CA GLY A 18 -7.98 -2.96 16.35
C GLY A 18 -9.36 -2.35 16.22
N PRO A 19 -9.46 -1.01 16.29
CA PRO A 19 -10.71 -0.25 16.18
C PRO A 19 -11.28 -0.03 14.80
N LEU A 20 -12.61 -0.08 14.70
CA LEU A 20 -13.32 0.16 13.45
C LEU A 20 -13.33 1.67 13.24
N GLY A 21 -13.50 2.10 12.00
CA GLY A 21 -13.54 3.52 11.73
C GLY A 21 -12.18 4.16 11.64
N PRO A 22 -12.13 5.49 11.49
CA PRO A 22 -10.93 6.31 11.36
C PRO A 22 -9.86 6.32 12.45
N GLN A 23 -10.13 5.70 13.58
CA GLN A 23 -9.13 5.66 14.65
C GLN A 23 -8.05 4.65 14.29
N SER A 24 -8.36 3.77 13.34
CA SER A 24 -7.42 2.76 12.92
C SER A 24 -6.20 3.41 12.21
N ALA A 25 -6.39 4.64 11.73
CA ALA A 25 -5.35 5.37 11.04
C ALA A 25 -4.46 6.20 11.99
N SER A 26 -4.79 6.15 13.29
CA SER A 26 -4.08 6.93 14.31
C SER A 26 -2.68 6.49 14.76
N LEU A 27 -1.78 7.46 14.90
CA LEU A 27 -0.42 7.19 15.36
C LEU A 27 -0.20 7.93 16.71
N GLU A 28 -1.32 8.32 17.31
CA GLU A 28 -1.29 9.05 18.56
C GLU A 28 -0.61 8.27 19.67
N GLY A 29 0.37 8.92 20.30
CA GLY A 29 1.14 8.34 21.39
C GLY A 29 2.14 7.25 21.04
N LYS A 30 2.43 7.10 19.74
CA LYS A 30 3.38 6.08 19.29
C LYS A 30 4.76 6.67 19.35
N VAL A 31 5.77 5.81 19.38
CA VAL A 31 7.16 6.24 19.41
C VAL A 31 7.89 5.69 18.18
N ALA A 32 8.45 6.58 17.37
CA ALA A 32 9.14 6.15 16.15
C ALA A 32 10.58 6.61 16.03
N LEU A 33 11.40 5.80 15.37
CA LEU A 33 12.80 6.13 15.11
C LEU A 33 13.00 6.13 13.59
N VAL A 34 13.64 7.17 13.08
CA VAL A 34 13.94 7.31 11.64
C VAL A 34 15.44 7.57 11.42
N THR A 35 16.12 6.68 10.68
CA THR A 35 17.55 6.88 10.41
C THR A 35 17.70 7.91 9.28
N GLY A 36 18.69 8.79 9.42
CA GLY A 36 18.92 9.83 8.44
C GLY A 36 17.75 10.81 8.35
N ALA A 37 17.22 11.17 9.51
CA ALA A 37 16.07 12.07 9.57
C ALA A 37 16.39 13.55 9.60
N GLY A 38 17.66 13.93 9.43
CA GLY A 38 18.00 15.34 9.45
C GLY A 38 17.83 16.04 8.10
N ARG A 39 17.71 15.24 7.05
CA ARG A 39 17.54 15.75 5.68
C ARG A 39 16.61 14.87 4.82
N GLY A 40 16.12 15.47 3.74
CA GLY A 40 15.28 14.77 2.77
C GLY A 40 14.04 14.01 3.14
N ILE A 41 13.91 12.81 2.58
CA ILE A 41 12.75 11.96 2.82
C ILE A 41 12.70 11.56 4.29
N GLY A 42 13.85 11.25 4.88
CA GLY A 42 13.93 10.88 6.30
C GLY A 42 13.43 12.01 7.20
N ARG A 43 13.75 13.24 6.84
CA ARG A 43 13.32 14.42 7.57
C ARG A 43 11.80 14.58 7.52
N GLU A 44 11.22 14.37 6.34
CA GLU A 44 9.77 14.51 6.18
C GLU A 44 9.00 13.38 6.84
N MET A 45 9.61 12.20 6.95
CA MET A 45 8.96 11.07 7.61
C MET A 45 8.77 11.41 9.09
N ALA A 46 9.84 11.94 9.71
CA ALA A 46 9.85 12.35 11.12
C ALA A 46 8.84 13.46 11.37
N MET A 47 8.82 14.45 10.49
CA MET A 47 7.91 15.58 10.60
C MET A 47 6.45 15.11 10.54
N GLU A 48 6.10 14.37 9.50
CA GLU A 48 4.73 13.86 9.31
C GLU A 48 4.32 12.90 10.40
N LEU A 49 5.24 12.02 10.83
CA LEU A 49 4.95 11.08 11.91
C LEU A 49 4.69 11.94 13.16
N GLY A 50 5.46 13.03 13.29
CA GLY A 50 5.29 13.93 14.41
C GLY A 50 3.93 14.58 14.41
N ARG A 51 3.45 14.97 13.24
CA ARG A 51 2.13 15.61 13.12
C ARG A 51 1.00 14.65 13.43
N ARG A 52 1.20 13.36 13.23
CA ARG A 52 0.16 12.38 13.50
C ARG A 52 0.20 11.91 14.95
N GLY A 53 1.02 12.57 15.77
CA GLY A 53 1.11 12.23 17.18
C GLY A 53 2.21 11.33 17.73
N CYS A 54 3.26 11.09 16.95
CA CYS A 54 4.34 10.23 17.41
C CYS A 54 5.43 11.04 18.10
N LYS A 55 6.18 10.37 18.97
CA LYS A 55 7.35 10.99 19.60
C LYS A 55 8.42 10.47 18.64
N VAL A 56 9.34 11.34 18.23
CA VAL A 56 10.32 10.93 17.24
C VAL A 56 11.80 11.06 17.63
N ILE A 57 12.56 10.01 17.34
CA ILE A 57 14.00 9.98 17.55
C ILE A 57 14.63 10.18 16.17
N VAL A 58 15.24 11.35 16.01
CA VAL A 58 15.88 11.79 14.79
C VAL A 58 17.36 11.40 14.69
N ASN A 59 17.64 10.33 13.95
CA ASN A 59 19.02 9.89 13.77
C ASN A 59 19.72 10.69 12.66
N TYR A 60 21.04 10.83 12.79
CA TYR A 60 21.85 11.54 11.81
C TYR A 60 23.29 11.03 11.96
N ALA A 61 24.07 11.14 10.88
CA ALA A 61 25.44 10.68 10.93
C ALA A 61 26.38 11.86 10.82
N ASN A 62 25.95 12.90 10.11
CA ASN A 62 26.79 14.07 9.88
C ASN A 62 26.05 15.37 10.10
N SER A 63 24.84 15.50 9.56
CA SER A 63 24.08 16.74 9.69
C SER A 63 23.54 17.04 11.09
N THR A 64 24.46 17.45 11.98
CA THR A 64 24.13 17.77 13.37
C THR A 64 23.16 18.94 13.52
N GLU A 65 23.51 20.09 12.94
CA GLU A 65 22.66 21.28 13.04
C GLU A 65 21.29 21.07 12.41
N SER A 66 21.24 20.36 11.29
CA SER A 66 19.98 20.09 10.61
C SER A 66 19.10 19.15 11.45
N ALA A 67 19.76 18.21 12.14
CA ALA A 67 19.07 17.24 12.99
C ALA A 67 18.41 17.98 14.14
N GLU A 68 19.14 18.91 14.73
CA GLU A 68 18.64 19.70 15.83
C GLU A 68 17.45 20.55 15.39
N GLU A 69 17.45 20.98 14.13
CA GLU A 69 16.36 21.78 13.59
C GLU A 69 15.10 20.95 13.40
N VAL A 70 15.25 19.71 12.98
CA VAL A 70 14.10 18.82 12.80
C VAL A 70 13.47 18.58 14.16
N VAL A 71 14.31 18.29 15.17
CA VAL A 71 13.83 18.07 16.53
C VAL A 71 13.02 19.27 17.04
N ALA A 72 13.57 20.47 16.90
CA ALA A 72 12.87 21.66 17.35
C ALA A 72 11.53 21.89 16.63
N ALA A 73 11.50 21.62 15.34
CA ALA A 73 10.27 21.80 14.56
C ALA A 73 9.17 20.84 14.98
N ILE A 74 9.53 19.61 15.33
CA ILE A 74 8.56 18.59 15.75
C ILE A 74 7.94 19.01 17.07
N LYS A 75 8.78 19.51 17.97
CA LYS A 75 8.32 19.98 19.27
C LYS A 75 7.34 21.14 19.09
N LYS A 76 7.69 22.05 18.18
CA LYS A 76 6.84 23.19 17.89
C LYS A 76 5.48 22.76 17.34
N ASN A 77 5.44 21.62 16.67
CA ASN A 77 4.18 21.10 16.12
C ASN A 77 3.37 20.31 17.15
N GLY A 78 3.87 20.28 18.38
CA GLY A 78 3.16 19.61 19.46
C GLY A 78 3.52 18.22 19.90
N SER A 79 4.64 17.68 19.45
CA SER A 79 5.08 16.35 19.86
C SER A 79 6.50 16.46 20.35
N ASP A 80 6.98 15.41 21.00
CA ASP A 80 8.34 15.43 21.52
C ASP A 80 9.30 14.68 20.58
N ALA A 81 10.55 15.14 20.55
CA ALA A 81 11.58 14.54 19.72
C ALA A 81 12.96 14.70 20.34
N ALA A 82 13.92 13.95 19.81
CA ALA A 82 15.31 14.02 20.26
C ALA A 82 16.20 13.37 19.20
N CYS A 83 17.41 13.89 19.00
CA CYS A 83 18.31 13.33 17.99
C CYS A 83 19.38 12.43 18.60
N VAL A 84 19.84 11.45 17.82
CA VAL A 84 20.87 10.52 18.24
C VAL A 84 21.84 10.34 17.07
N LYS A 85 23.13 10.52 17.34
CA LYS A 85 24.12 10.39 16.29
C LYS A 85 24.57 8.95 16.13
N ALA A 86 24.58 8.48 14.89
CA ALA A 86 25.01 7.13 14.56
C ALA A 86 25.21 6.91 13.06
N ASN A 87 26.28 6.19 12.74
CA ASN A 87 26.63 5.87 11.38
C ASN A 87 26.33 4.39 11.17
N VAL A 88 25.38 4.09 10.26
CA VAL A 88 24.97 2.71 9.98
C VAL A 88 26.08 1.81 9.41
N GLY A 89 27.21 2.40 9.08
CA GLY A 89 28.32 1.61 8.59
C GLY A 89 29.01 0.86 9.73
N VAL A 90 28.78 1.33 10.96
CA VAL A 90 29.36 0.74 12.16
C VAL A 90 28.23 0.09 12.96
N VAL A 91 28.20 -1.24 13.00
CA VAL A 91 27.13 -1.96 13.69
C VAL A 91 26.99 -1.53 15.15
N GLU A 92 28.13 -1.29 15.79
CA GLU A 92 28.19 -0.89 17.19
C GLU A 92 27.47 0.44 17.43
N ASP A 93 27.50 1.34 16.45
CA ASP A 93 26.83 2.63 16.56
C ASP A 93 25.31 2.43 16.54
N ILE A 94 24.87 1.39 15.82
CA ILE A 94 23.44 1.08 15.68
C ILE A 94 22.89 0.48 16.96
N VAL A 95 23.66 -0.43 17.55
CA VAL A 95 23.28 -1.08 18.78
C VAL A 95 23.13 -0.04 19.89
N ARG A 96 24.08 0.87 20.01
CA ARG A 96 24.02 1.90 21.04
C ARG A 96 22.96 2.93 20.74
N MET A 97 22.67 3.16 19.47
CA MET A 97 21.63 4.12 19.09
C MET A 97 20.26 3.65 19.58
N PHE A 98 20.00 2.34 19.50
CA PHE A 98 18.73 1.78 19.93
C PHE A 98 18.62 1.73 21.44
N GLU A 99 19.76 1.55 22.10
CA GLU A 99 19.82 1.51 23.55
C GLU A 99 19.53 2.92 24.09
N GLU A 100 20.06 3.94 23.41
CA GLU A 100 19.82 5.32 23.79
C GLU A 100 18.38 5.70 23.47
N ALA A 101 17.85 5.14 22.40
CA ALA A 101 16.49 5.43 21.97
C ALA A 101 15.47 5.06 23.03
N VAL A 102 15.55 3.82 23.51
CA VAL A 102 14.60 3.35 24.51
C VAL A 102 14.75 4.10 25.84
N LYS A 103 15.94 4.64 26.09
CA LYS A 103 16.19 5.40 27.32
C LYS A 103 15.50 6.75 27.27
N ILE A 104 15.40 7.30 26.05
CA ILE A 104 14.77 8.59 25.86
C ILE A 104 13.25 8.57 26.00
N PHE A 105 12.56 7.69 25.27
CA PHE A 105 11.09 7.65 25.36
C PHE A 105 10.48 6.38 25.98
N GLY A 106 11.32 5.45 26.40
CA GLY A 106 10.83 4.26 27.05
C GLY A 106 10.47 3.03 26.26
N LYS A 107 10.25 3.19 24.96
CA LYS A 107 9.90 2.06 24.12
C LYS A 107 9.97 2.50 22.68
N LEU A 108 9.77 1.55 21.78
CA LEU A 108 9.85 1.82 20.35
C LEU A 108 8.72 1.08 19.65
N ASP A 109 7.89 1.83 18.93
CA ASP A 109 6.74 1.23 18.19
C ASP A 109 6.95 1.12 16.66
N ILE A 110 7.60 2.13 16.07
CA ILE A 110 7.83 2.22 14.63
C ILE A 110 9.30 2.50 14.27
N VAL A 111 9.87 1.70 13.37
CA VAL A 111 11.26 1.95 12.91
C VAL A 111 11.30 2.12 11.38
N CYS A 112 11.74 3.31 10.94
CA CYS A 112 11.87 3.66 9.54
C CYS A 112 13.34 3.69 9.10
N SER A 113 13.79 2.62 8.44
CA SER A 113 15.18 2.54 7.94
C SER A 113 15.26 3.35 6.65
N ASN A 114 15.73 4.59 6.73
CA ASN A 114 15.77 5.46 5.57
C ASN A 114 17.15 5.81 4.98
N SER A 115 18.18 5.89 5.83
CA SER A 115 19.52 6.25 5.40
C SER A 115 20.06 5.59 4.11
N GLY A 116 20.63 6.40 3.22
CA GLY A 116 21.20 5.85 1.98
C GLY A 116 22.04 6.80 1.14
N VAL A 117 22.90 6.22 0.28
CA VAL A 117 23.76 7.00 -0.62
C VAL A 117 23.55 6.52 -2.06
N VAL A 118 23.77 7.38 -3.06
CA VAL A 118 23.59 7.02 -4.46
C VAL A 118 24.95 6.82 -5.17
N SER A 119 24.93 6.24 -6.36
CA SER A 119 26.15 5.96 -7.11
C SER A 119 25.86 5.65 -8.58
N PHE A 120 26.70 6.20 -9.47
CA PHE A 120 26.61 5.99 -10.91
C PHE A 120 27.97 5.57 -11.48
N GLY A 121 27.98 4.66 -12.45
CA GLY A 121 29.23 4.24 -13.05
C GLY A 121 29.12 2.98 -13.86
N HIS A 122 29.69 3.00 -15.06
CA HIS A 122 29.67 1.84 -15.94
C HIS A 122 30.28 0.70 -15.15
N VAL A 123 29.71 -0.50 -15.28
CA VAL A 123 30.21 -1.66 -14.57
C VAL A 123 31.74 -1.87 -14.72
N LYS A 124 32.29 -1.51 -15.87
CA LYS A 124 33.73 -1.68 -16.13
C LYS A 124 34.60 -0.78 -15.29
N ASP A 125 34.03 0.34 -14.85
CA ASP A 125 34.71 1.34 -14.04
C ASP A 125 34.50 1.26 -12.52
N VAL A 126 33.74 0.29 -12.03
CA VAL A 126 33.50 0.24 -10.60
C VAL A 126 34.67 -0.34 -9.80
N THR A 127 35.07 0.40 -8.78
CA THR A 127 36.16 -0.02 -7.89
C THR A 127 35.58 -0.74 -6.70
N PRO A 128 36.37 -1.62 -6.09
CA PRO A 128 35.87 -2.35 -4.92
C PRO A 128 35.57 -1.39 -3.76
N GLU A 129 36.30 -0.27 -3.70
CA GLU A 129 36.08 0.71 -2.64
C GLU A 129 34.74 1.37 -2.81
N GLU A 130 34.35 1.68 -4.05
CA GLU A 130 33.04 2.30 -4.28
C GLU A 130 31.88 1.30 -4.09
N PHE A 131 32.10 0.05 -4.48
CA PHE A 131 31.09 -0.99 -4.30
C PHE A 131 30.80 -1.14 -2.80
N ASP A 132 31.86 -1.20 -2.01
CA ASP A 132 31.74 -1.36 -0.56
C ASP A 132 31.17 -0.13 0.13
N ARG A 133 31.47 1.04 -0.40
CA ARG A 133 30.98 2.30 0.15
C ARG A 133 29.45 2.29 0.21
N VAL A 134 28.86 1.92 -0.91
CA VAL A 134 27.41 1.86 -1.11
C VAL A 134 26.70 0.69 -0.40
N PHE A 135 27.21 -0.52 -0.55
CA PHE A 135 26.60 -1.68 0.07
C PHE A 135 26.61 -1.67 1.61
N THR A 136 27.65 -1.09 2.20
CA THR A 136 27.79 -1.02 3.65
C THR A 136 26.70 -0.17 4.31
N ILE A 137 26.27 0.87 3.61
CA ILE A 137 25.23 1.77 4.08
C ILE A 137 23.83 1.33 3.62
N ASN A 138 23.65 1.18 2.30
CA ASN A 138 22.38 0.81 1.69
C ASN A 138 21.83 -0.58 1.97
N THR A 139 22.72 -1.56 2.13
CA THR A 139 22.31 -2.95 2.33
C THR A 139 22.66 -3.59 3.67
N ARG A 140 23.93 -3.51 4.04
CA ARG A 140 24.47 -4.01 5.29
C ARG A 140 23.95 -3.16 6.46
N GLY A 141 23.90 -1.84 6.23
CA GLY A 141 23.42 -0.91 7.24
C GLY A 141 21.96 -1.14 7.58
N GLN A 142 21.12 -1.23 6.54
CA GLN A 142 19.69 -1.47 6.72
C GLN A 142 19.46 -2.81 7.37
N PHE A 143 20.27 -3.80 7.02
CA PHE A 143 20.08 -5.11 7.62
C PHE A 143 20.35 -5.09 9.11
N PHE A 144 21.36 -4.33 9.54
CA PHE A 144 21.67 -4.30 10.97
C PHE A 144 20.78 -3.37 11.78
N VAL A 145 20.21 -2.38 11.10
CA VAL A 145 19.24 -1.49 11.71
C VAL A 145 17.96 -2.33 11.92
N ALA A 146 17.71 -3.25 11.00
CA ALA A 146 16.55 -4.13 11.10
C ALA A 146 16.72 -5.15 12.24
N ARG A 147 17.95 -5.64 12.43
CA ARG A 147 18.25 -6.62 13.49
C ARG A 147 17.95 -6.01 14.86
N GLU A 148 18.37 -4.77 15.06
CA GLU A 148 18.17 -4.09 16.32
C GLU A 148 16.71 -3.65 16.51
N ALA A 149 16.06 -3.28 15.40
CA ALA A 149 14.66 -2.88 15.45
C ALA A 149 13.85 -4.06 15.95
N TYR A 150 14.16 -5.27 15.49
CA TYR A 150 13.44 -6.45 15.93
C TYR A 150 13.54 -6.65 17.43
N LYS A 151 14.77 -6.66 17.91
CA LYS A 151 15.07 -6.86 19.32
C LYS A 151 14.39 -5.89 20.29
N HIS A 152 14.32 -4.62 19.91
CA HIS A 152 13.76 -3.55 20.73
C HIS A 152 12.33 -3.10 20.47
N LEU A 153 11.74 -3.51 19.35
CA LEU A 153 10.37 -3.11 19.04
C LEU A 153 9.29 -3.73 19.94
N GLU A 154 8.22 -2.97 20.17
CA GLU A 154 7.06 -3.45 20.93
C GLU A 154 6.40 -4.60 20.14
N ILE A 155 5.75 -5.52 20.84
CA ILE A 155 5.06 -6.62 20.17
C ILE A 155 3.93 -5.92 19.39
N GLY A 156 3.87 -6.17 18.08
CA GLY A 156 2.87 -5.54 17.23
C GLY A 156 3.41 -4.27 16.61
N GLY A 157 4.74 -4.15 16.61
CA GLY A 157 5.41 -2.99 16.04
C GLY A 157 5.46 -2.98 14.52
N ARG A 158 6.26 -2.05 13.99
CA ARG A 158 6.39 -1.86 12.55
C ARG A 158 7.83 -1.61 12.12
N LEU A 159 8.18 -2.12 10.94
CA LEU A 159 9.51 -1.91 10.35
C LEU A 159 9.36 -1.62 8.84
N ILE A 160 9.70 -0.40 8.43
CA ILE A 160 9.62 -0.03 7.01
C ILE A 160 11.03 0.22 6.47
N LEU A 161 11.41 -0.57 5.46
CA LEU A 161 12.73 -0.47 4.82
C LEU A 161 12.66 0.43 3.58
N MET A 162 13.77 1.07 3.24
CA MET A 162 13.77 1.94 2.07
C MET A 162 14.39 1.27 0.85
N GLY A 163 13.58 1.14 -0.20
CA GLY A 163 14.02 0.56 -1.45
C GLY A 163 14.09 1.66 -2.50
N SER A 164 13.79 1.31 -3.76
CA SER A 164 13.83 2.29 -4.85
C SER A 164 13.23 1.66 -6.09
N ILE A 165 12.84 2.50 -7.04
CA ILE A 165 12.30 2.03 -8.33
C ILE A 165 13.39 1.29 -9.11
N THR A 166 14.64 1.69 -8.86
CA THR A 166 15.82 1.10 -9.50
C THR A 166 15.99 -0.40 -9.24
N GLY A 167 15.34 -0.92 -8.20
CA GLY A 167 15.44 -2.34 -7.90
C GLY A 167 14.82 -3.21 -8.96
N GLN A 168 13.92 -2.62 -9.74
CA GLN A 168 13.25 -3.32 -10.81
C GLN A 168 13.34 -2.57 -12.14
N ALA A 169 13.88 -1.36 -12.12
CA ALA A 169 14.00 -0.55 -13.34
C ALA A 169 14.75 -1.27 -14.47
N LYS A 170 14.42 -0.93 -15.72
CA LYS A 170 15.03 -1.57 -16.87
C LYS A 170 15.78 -0.67 -17.87
N ALA A 171 15.71 0.65 -17.69
CA ALA A 171 16.36 1.56 -18.60
C ALA A 171 17.40 2.55 -18.08
N VAL A 172 17.80 2.43 -16.80
CA VAL A 172 18.81 3.33 -16.25
C VAL A 172 20.19 2.69 -16.46
N PRO A 173 21.06 3.33 -17.26
CA PRO A 173 22.41 2.77 -17.51
C PRO A 173 23.43 3.23 -16.47
N LYS A 174 24.49 2.44 -16.31
CA LYS A 174 25.58 2.73 -15.34
C LYS A 174 25.04 2.87 -13.91
N HIS A 175 24.26 1.90 -13.45
CA HIS A 175 23.62 1.97 -12.13
C HIS A 175 23.48 0.61 -11.43
N ALA A 176 24.31 -0.36 -11.78
CA ALA A 176 24.22 -1.67 -11.17
C ALA A 176 24.50 -1.74 -9.65
N VAL A 177 25.42 -0.92 -9.15
CA VAL A 177 25.77 -0.95 -7.71
C VAL A 177 24.59 -0.50 -6.84
N TYR A 178 24.15 0.74 -7.04
CA TYR A 178 23.03 1.31 -6.31
C TYR A 178 21.76 0.47 -6.51
N SER A 179 21.40 0.22 -7.76
CA SER A 179 20.21 -0.55 -8.05
C SER A 179 20.23 -1.90 -7.35
N GLY A 180 21.37 -2.60 -7.40
CA GLY A 180 21.52 -3.89 -6.74
C GLY A 180 21.45 -3.80 -5.22
N SER A 181 21.93 -2.70 -4.64
CA SER A 181 21.89 -2.52 -3.19
C SER A 181 20.46 -2.33 -2.67
N LYS A 182 19.59 -1.76 -3.52
CA LYS A 182 18.19 -1.54 -3.18
C LYS A 182 17.34 -2.78 -3.47
N GLY A 183 17.70 -3.50 -4.53
CA GLY A 183 16.95 -4.69 -4.92
C GLY A 183 17.01 -5.75 -3.86
N ALA A 184 18.13 -5.80 -3.16
CA ALA A 184 18.31 -6.78 -2.08
C ALA A 184 17.30 -6.55 -0.94
N ILE A 185 16.91 -5.28 -0.74
CA ILE A 185 15.98 -4.90 0.31
C ILE A 185 14.59 -5.51 0.11
N GLU A 186 14.13 -5.58 -1.14
CA GLU A 186 12.85 -6.16 -1.47
C GLU A 186 12.86 -7.62 -1.02
N THR A 187 14.00 -8.28 -1.11
CA THR A 187 14.10 -9.66 -0.68
C THR A 187 14.22 -9.73 0.84
N PHE A 188 14.84 -8.73 1.45
CA PHE A 188 14.93 -8.71 2.92
C PHE A 188 13.52 -8.63 3.52
N ALA A 189 12.64 -7.81 2.92
CA ALA A 189 11.25 -7.64 3.39
C ALA A 189 10.48 -8.96 3.46
N ARG A 190 10.49 -9.72 2.38
CA ARG A 190 9.81 -11.01 2.37
C ARG A 190 10.35 -11.97 3.42
N CYS A 191 11.67 -12.00 3.55
CA CYS A 191 12.35 -12.90 4.50
C CYS A 191 12.29 -12.46 5.96
N MET A 192 12.39 -11.16 6.19
CA MET A 192 12.30 -10.59 7.53
C MET A 192 10.85 -10.58 8.03
N ALA A 193 9.87 -10.48 7.12
CA ALA A 193 8.45 -10.52 7.49
C ALA A 193 8.09 -11.85 8.14
N ILE A 194 8.78 -12.92 7.74
CA ILE A 194 8.54 -14.24 8.32
C ILE A 194 9.06 -14.29 9.76
N ASP A 195 10.34 -13.94 9.94
CA ASP A 195 11.01 -13.96 11.24
C ASP A 195 10.39 -13.03 12.28
N MET A 196 10.34 -11.74 11.94
CA MET A 196 9.79 -10.73 12.82
C MET A 196 8.31 -10.87 13.20
N ALA A 197 7.62 -11.79 12.54
CA ALA A 197 6.20 -12.02 12.80
C ALA A 197 6.01 -12.74 14.13
N ASP A 198 7.08 -13.32 14.69
CA ASP A 198 6.95 -14.00 15.99
C ASP A 198 6.69 -13.01 17.11
N LYS A 199 6.82 -11.72 16.79
CA LYS A 199 6.56 -10.62 17.71
C LYS A 199 5.49 -9.73 17.09
N LYS A 200 4.75 -10.27 16.11
CA LYS A 200 3.68 -9.56 15.40
C LYS A 200 4.09 -8.24 14.77
N ILE A 201 5.35 -8.14 14.38
CA ILE A 201 5.87 -6.95 13.73
C ILE A 201 5.68 -7.12 12.21
N THR A 202 5.25 -6.06 11.51
CA THR A 202 5.13 -6.19 10.04
C THR A 202 6.34 -5.50 9.42
N VAL A 203 6.83 -6.08 8.31
CA VAL A 203 7.98 -5.56 7.59
C VAL A 203 7.66 -5.36 6.11
N ASN A 204 7.74 -4.12 5.65
CA ASN A 204 7.46 -3.79 4.26
C ASN A 204 8.56 -2.87 3.70
N VAL A 205 8.61 -2.78 2.38
CA VAL A 205 9.56 -1.91 1.70
C VAL A 205 8.84 -0.83 0.89
N VAL A 206 9.22 0.43 1.06
CA VAL A 206 8.65 1.49 0.23
C VAL A 206 9.69 1.71 -0.90
N ALA A 207 9.22 1.78 -2.15
CA ALA A 207 10.11 1.98 -3.30
C ALA A 207 9.73 3.23 -4.09
N PRO A 208 10.26 4.39 -3.72
CA PRO A 208 9.95 5.64 -4.40
C PRO A 208 10.54 5.75 -5.81
N GLY A 209 9.94 6.65 -6.59
CA GLY A 209 10.46 6.97 -7.90
C GLY A 209 11.31 8.18 -7.57
N GLY A 210 11.58 9.06 -8.53
CA GLY A 210 12.36 10.23 -8.23
C GLY A 210 11.62 11.12 -7.24
N ILE A 211 12.34 11.69 -6.28
CA ILE A 211 11.74 12.55 -5.25
C ILE A 211 12.69 13.74 -5.06
N LYS A 212 12.20 14.97 -5.11
CA LYS A 212 13.06 16.14 -4.95
C LYS A 212 13.73 16.32 -3.57
N THR A 213 15.00 15.93 -3.49
CA THR A 213 15.77 16.06 -2.26
C THR A 213 17.16 16.46 -2.74
N ASP A 214 18.12 16.40 -1.83
CA ASP A 214 19.52 16.73 -2.13
C ASP A 214 20.11 15.67 -3.04
N MET A 215 19.67 14.42 -2.85
CA MET A 215 20.15 13.31 -3.67
C MET A 215 19.71 13.54 -5.11
N TYR A 216 18.46 13.92 -5.28
CA TYR A 216 17.90 14.19 -6.58
C TYR A 216 18.65 15.33 -7.28
N HIS A 217 18.89 16.43 -6.58
CA HIS A 217 19.59 17.54 -7.20
C HIS A 217 20.99 17.21 -7.67
N ALA A 218 21.65 16.27 -6.98
CA ALA A 218 23.01 15.89 -7.36
C ALA A 218 23.11 14.94 -8.58
N VAL A 219 22.20 13.97 -8.68
CA VAL A 219 22.26 13.02 -9.78
C VAL A 219 21.03 12.85 -10.70
N CYS A 220 20.09 13.79 -10.65
CA CYS A 220 18.90 13.65 -11.47
C CYS A 220 19.21 13.47 -12.97
N ARG A 221 20.10 14.31 -13.50
CA ARG A 221 20.48 14.28 -14.91
C ARG A 221 21.05 12.96 -15.39
N GLU A 222 21.58 12.16 -14.47
CA GLU A 222 22.14 10.84 -14.79
C GLU A 222 21.09 9.83 -15.24
N TYR A 223 19.81 10.14 -14.95
CA TYR A 223 18.69 9.27 -15.32
C TYR A 223 18.05 9.77 -16.60
N ILE A 224 18.51 10.94 -17.05
CA ILE A 224 18.00 11.57 -18.25
C ILE A 224 19.01 11.53 -19.41
N PRO A 225 18.67 10.81 -20.50
CA PRO A 225 19.48 10.64 -21.70
C PRO A 225 19.82 12.01 -22.27
N ASN A 226 21.11 12.31 -22.39
CA ASN A 226 21.62 13.60 -22.89
C ASN A 226 21.12 14.74 -22.02
N GLY A 227 21.03 14.52 -20.72
CA GLY A 227 20.53 15.56 -19.83
C GLY A 227 21.57 16.42 -19.15
N GLU A 228 22.84 16.16 -19.44
CA GLU A 228 23.94 16.90 -18.84
C GLU A 228 23.86 18.42 -18.92
N ASN A 229 23.12 18.95 -19.89
CA ASN A 229 23.01 20.40 -20.03
C ASN A 229 21.67 20.97 -19.66
N LEU A 230 20.79 20.15 -19.09
CA LEU A 230 19.45 20.61 -18.70
C LEU A 230 19.48 21.51 -17.49
N SER A 231 18.61 22.51 -17.52
CA SER A 231 18.50 23.44 -16.42
C SER A 231 17.68 22.70 -15.40
N ASN A 232 17.67 23.20 -14.17
CA ASN A 232 16.88 22.59 -13.13
C ASN A 232 15.42 22.61 -13.52
N GLU A 233 15.01 23.70 -14.17
CA GLU A 233 13.63 23.87 -14.62
C GLU A 233 13.24 22.82 -15.66
N GLU A 234 14.20 22.48 -16.52
CA GLU A 234 13.98 21.51 -17.58
C GLU A 234 14.02 20.08 -17.04
N VAL A 235 14.81 19.88 -15.99
CA VAL A 235 14.92 18.57 -15.38
C VAL A 235 13.58 18.18 -14.74
N ASP A 236 12.98 19.12 -14.02
CA ASP A 236 11.69 18.89 -13.35
C ASP A 236 10.57 18.62 -14.37
N GLU A 237 10.61 19.33 -15.49
CA GLU A 237 9.62 19.15 -16.56
C GLU A 237 9.73 17.74 -17.13
N TYR A 238 10.97 17.29 -17.30
CA TYR A 238 11.23 15.96 -17.83
C TYR A 238 10.70 14.91 -16.85
N ALA A 239 11.05 15.09 -15.57
CA ALA A 239 10.63 14.19 -14.50
C ALA A 239 9.10 14.15 -14.40
N ALA A 240 8.50 15.33 -14.48
CA ALA A 240 7.05 15.45 -14.40
C ALA A 240 6.31 14.82 -15.55
N VAL A 241 6.78 15.05 -16.77
CA VAL A 241 6.12 14.51 -17.95
C VAL A 241 6.56 13.11 -18.33
N GLN A 242 7.84 12.82 -18.21
CA GLN A 242 8.32 11.49 -18.58
C GLN A 242 8.11 10.38 -17.57
N TRP A 243 8.22 10.69 -16.27
CA TRP A 243 8.09 9.66 -15.25
C TRP A 243 6.71 9.52 -14.61
N SER A 244 5.72 10.29 -15.07
CA SER A 244 4.39 10.18 -14.50
C SER A 244 3.21 10.64 -15.35
N PRO A 245 2.23 9.77 -15.55
CA PRO A 245 1.04 10.11 -16.33
C PRO A 245 0.32 11.25 -15.63
N LEU A 246 0.47 11.34 -14.31
CA LEU A 246 -0.17 12.40 -13.51
C LEU A 246 0.48 13.74 -13.76
N ARG A 247 1.64 13.72 -14.42
CA ARG A 247 2.38 14.92 -14.81
C ARG A 247 2.87 15.88 -13.72
N ARG A 248 3.59 15.33 -12.73
CA ARG A 248 4.19 16.14 -11.66
C ARG A 248 5.39 15.42 -11.07
N VAL A 249 6.22 16.16 -10.35
CA VAL A 249 7.40 15.58 -9.71
C VAL A 249 7.05 15.00 -8.31
N GLY A 250 7.81 13.99 -7.88
CA GLY A 250 7.61 13.39 -6.57
C GLY A 250 8.22 14.23 -5.46
N LEU A 251 7.56 14.25 -4.29
CA LEU A 251 8.03 15.04 -3.15
C LEU A 251 8.09 14.19 -1.87
N PRO A 252 8.97 14.56 -0.91
CA PRO A 252 9.07 13.78 0.33
C PRO A 252 7.74 13.44 1.04
N ILE A 253 6.76 14.33 0.97
CA ILE A 253 5.44 14.09 1.59
C ILE A 253 4.68 12.90 0.95
N ASP A 254 4.89 12.67 -0.35
CA ASP A 254 4.25 11.57 -1.06
C ASP A 254 4.66 10.23 -0.47
N ILE A 255 5.88 10.17 0.05
CA ILE A 255 6.42 8.95 0.65
C ILE A 255 6.06 8.87 2.14
N ALA A 256 6.21 10.00 2.83
CA ALA A 256 5.90 10.13 4.24
C ALA A 256 4.48 9.65 4.55
N ARG A 257 3.51 10.00 3.70
CA ARG A 257 2.10 9.61 3.88
C ARG A 257 1.88 8.11 3.83
N VAL A 258 2.60 7.43 2.93
CA VAL A 258 2.45 5.98 2.79
C VAL A 258 3.13 5.27 3.95
N VAL A 259 4.20 5.87 4.47
CA VAL A 259 4.92 5.30 5.60
C VAL A 259 3.99 5.32 6.83
N CYS A 260 3.26 6.41 7.01
CA CYS A 260 2.33 6.55 8.12
C CYS A 260 1.19 5.53 8.05
N PHE A 261 0.74 5.22 6.83
CA PHE A 261 -0.33 4.23 6.66
C PHE A 261 0.18 2.89 7.14
N LEU A 262 1.35 2.51 6.65
CA LEU A 262 1.99 1.23 7.00
C LEU A 262 2.26 1.12 8.49
N ALA A 263 2.61 2.26 9.11
CA ALA A 263 2.91 2.33 10.54
C ALA A 263 1.66 2.23 11.42
N SER A 264 0.48 2.47 10.85
CA SER A 264 -0.79 2.41 11.58
C SER A 264 -1.45 1.03 11.55
N ASN A 265 -2.54 0.88 12.30
CA ASN A 265 -3.29 -0.38 12.37
C ASN A 265 -3.87 -0.73 10.99
N ASP A 266 -4.06 0.29 10.16
CA ASP A 266 -4.56 0.13 8.77
C ASP A 266 -3.61 -0.77 7.97
N GLY A 267 -2.32 -0.73 8.33
CA GLY A 267 -1.32 -1.55 7.65
C GLY A 267 -1.13 -2.92 8.28
N GLY A 268 -2.04 -3.29 9.18
CA GLY A 268 -1.94 -4.57 9.85
C GLY A 268 -1.87 -5.86 9.05
N TRP A 269 -2.56 -5.97 7.92
CA TRP A 269 -2.53 -7.22 7.12
C TRP A 269 -1.53 -7.13 5.93
N VAL A 270 -0.85 -5.99 5.83
CA VAL A 270 0.15 -5.74 4.80
C VAL A 270 1.53 -6.04 5.37
N THR A 271 2.10 -7.19 5.03
CA THR A 271 3.45 -7.56 5.48
C THR A 271 4.18 -8.36 4.38
N GLY A 272 5.50 -8.14 4.27
CA GLY A 272 6.31 -8.82 3.28
C GLY A 272 6.09 -8.27 1.88
N LYS A 273 5.71 -6.99 1.80
CA LYS A 273 5.41 -6.35 0.54
C LYS A 273 6.28 -5.19 0.13
N VAL A 274 6.27 -4.92 -1.17
CA VAL A 274 7.01 -3.84 -1.80
C VAL A 274 5.93 -2.89 -2.32
N ILE A 275 5.94 -1.65 -1.82
CA ILE A 275 4.97 -0.64 -2.21
C ILE A 275 5.66 0.40 -3.07
N GLY A 276 5.38 0.40 -4.36
CA GLY A 276 6.00 1.39 -5.22
C GLY A 276 5.24 2.68 -5.14
N ILE A 277 5.95 3.79 -4.98
CA ILE A 277 5.32 5.10 -4.86
C ILE A 277 6.09 6.01 -5.79
N ASP A 278 5.72 5.99 -7.07
CA ASP A 278 6.42 6.74 -8.12
C ASP A 278 5.48 7.42 -9.11
N GLY A 279 4.19 7.50 -8.79
CA GLY A 279 3.25 8.15 -9.68
C GLY A 279 2.96 7.39 -10.97
N GLY A 280 3.21 6.09 -10.98
CA GLY A 280 2.99 5.30 -12.17
C GLY A 280 4.12 5.40 -13.18
N ALA A 281 5.35 5.55 -12.67
CA ALA A 281 6.54 5.67 -13.50
C ALA A 281 6.95 4.39 -14.21
N CYS A 282 7.69 4.57 -15.30
CA CYS A 282 8.24 3.46 -16.10
C CYS A 282 9.72 3.82 -16.30
N MET A 283 10.60 3.11 -15.60
CA MET A 283 12.03 3.43 -15.72
C MET A 283 12.84 2.18 -15.92
N TYR B 13 6.33 22.57 -9.19
CA TYR B 13 6.43 21.15 -8.88
C TYR B 13 6.80 20.89 -7.43
N ASP B 14 6.96 21.96 -6.68
CA ASP B 14 7.28 21.87 -5.25
C ASP B 14 6.05 22.07 -4.37
N ALA B 15 4.92 22.46 -4.98
CA ALA B 15 3.65 22.69 -4.28
C ALA B 15 3.16 21.41 -3.63
N ILE B 16 2.85 21.48 -2.35
CA ILE B 16 2.40 20.31 -1.63
C ILE B 16 0.99 19.93 -2.04
N PRO B 17 0.78 18.66 -2.40
CA PRO B 17 -0.53 18.16 -2.81
C PRO B 17 -1.35 17.75 -1.56
N GLY B 18 -2.39 18.50 -1.27
CA GLY B 18 -3.20 18.20 -0.11
C GLY B 18 -2.56 18.68 1.18
N PRO B 19 -3.28 18.58 2.30
CA PRO B 19 -2.88 18.98 3.66
C PRO B 19 -1.82 18.11 4.31
N LEU B 20 -0.98 18.77 5.10
CA LEU B 20 0.05 18.07 5.86
C LEU B 20 -0.66 17.54 7.12
N GLY B 21 -0.13 16.48 7.73
CA GLY B 21 -0.78 15.98 8.92
C GLY B 21 -1.87 14.94 8.72
N PRO B 22 -2.52 14.51 9.81
CA PRO B 22 -3.60 13.51 9.88
C PRO B 22 -4.81 13.71 8.98
N GLN B 23 -5.08 14.95 8.58
CA GLN B 23 -6.23 15.24 7.73
C GLN B 23 -6.14 14.60 6.35
N SER B 24 -4.92 14.30 5.92
CA SER B 24 -4.66 13.71 4.61
C SER B 24 -5.29 12.31 4.47
N ALA B 25 -5.66 11.71 5.61
CA ALA B 25 -6.28 10.40 5.64
C ALA B 25 -7.82 10.44 5.66
N SER B 26 -8.36 11.64 5.85
CA SER B 26 -9.81 11.85 5.94
C SER B 26 -10.60 11.59 4.64
N LEU B 27 -11.75 10.93 4.77
CA LEU B 27 -12.63 10.65 3.65
C LEU B 27 -13.96 11.38 3.86
N GLU B 28 -13.89 12.41 4.70
CA GLU B 28 -15.03 13.23 5.05
C GLU B 28 -15.66 13.95 3.86
N GLY B 29 -16.97 13.75 3.69
CA GLY B 29 -17.68 14.37 2.59
C GLY B 29 -17.49 13.78 1.20
N LYS B 30 -16.87 12.59 1.11
CA LYS B 30 -16.66 11.96 -0.19
C LYS B 30 -17.87 11.10 -0.50
N VAL B 31 -18.08 10.80 -1.77
CA VAL B 31 -19.19 9.94 -2.22
C VAL B 31 -18.56 8.72 -2.92
N ALA B 32 -18.84 7.53 -2.40
CA ALA B 32 -18.28 6.30 -2.94
C ALA B 32 -19.33 5.29 -3.41
N LEU B 33 -18.98 4.53 -4.46
CA LEU B 33 -19.85 3.47 -5.00
C LEU B 33 -19.04 2.19 -4.91
N VAL B 34 -19.67 1.13 -4.39
CA VAL B 34 -19.05 -0.18 -4.23
C VAL B 34 -19.93 -1.25 -4.90
N THR B 35 -19.39 -2.05 -5.82
CA THR B 35 -20.19 -3.09 -6.46
C THR B 35 -20.18 -4.33 -5.61
N GLY B 36 -21.33 -4.97 -5.49
CA GLY B 36 -21.48 -6.18 -4.69
C GLY B 36 -21.30 -5.87 -3.21
N ALA B 37 -21.83 -4.72 -2.77
CA ALA B 37 -21.72 -4.27 -1.39
C ALA B 37 -22.75 -4.80 -0.41
N GLY B 38 -23.58 -5.73 -0.83
CA GLY B 38 -24.61 -6.26 0.06
C GLY B 38 -24.14 -7.38 0.96
N ARG B 39 -22.99 -7.95 0.61
CA ARG B 39 -22.40 -9.06 1.35
C ARG B 39 -20.88 -8.96 1.30
N GLY B 40 -20.23 -9.90 1.98
CA GLY B 40 -18.78 -10.01 2.03
C GLY B 40 -17.92 -8.77 2.14
N ILE B 41 -16.77 -8.84 1.45
CA ILE B 41 -15.78 -7.78 1.43
C ILE B 41 -16.39 -6.45 1.00
N GLY B 42 -17.26 -6.49 -0.01
CA GLY B 42 -17.89 -5.27 -0.50
C GLY B 42 -18.70 -4.57 0.59
N ARG B 43 -19.38 -5.37 1.39
CA ARG B 43 -20.19 -4.86 2.47
C ARG B 43 -19.32 -4.10 3.48
N GLU B 44 -18.18 -4.69 3.84
CA GLU B 44 -17.26 -4.08 4.79
C GLU B 44 -16.59 -2.85 4.24
N MET B 45 -16.39 -2.84 2.92
CA MET B 45 -15.81 -1.67 2.27
C MET B 45 -16.78 -0.51 2.49
N ALA B 46 -18.05 -0.73 2.17
CA ALA B 46 -19.08 0.30 2.33
C ALA B 46 -19.21 0.76 3.80
N MET B 47 -19.27 -0.18 4.74
CA MET B 47 -19.38 0.13 6.15
C MET B 47 -18.24 1.04 6.60
N GLU B 48 -17.01 0.57 6.38
CA GLU B 48 -15.81 1.32 6.76
C GLU B 48 -15.68 2.69 6.09
N LEU B 49 -16.01 2.77 4.80
CA LEU B 49 -15.97 4.03 4.09
C LEU B 49 -16.99 4.99 4.72
N GLY B 50 -18.12 4.42 5.17
CA GLY B 50 -19.16 5.22 5.79
C GLY B 50 -18.70 5.76 7.13
N ARG B 51 -18.00 4.91 7.90
CA ARG B 51 -17.48 5.32 9.20
C ARG B 51 -16.46 6.44 9.08
N ARG B 52 -15.74 6.50 7.94
CA ARG B 52 -14.74 7.54 7.72
C ARG B 52 -15.34 8.78 7.08
N GLY B 53 -16.67 8.85 6.99
CA GLY B 53 -17.29 10.06 6.44
C GLY B 53 -17.82 10.08 5.03
N CYS B 54 -17.88 8.92 4.37
CA CYS B 54 -18.39 8.84 2.98
C CYS B 54 -19.90 8.55 2.86
N LYS B 55 -20.54 9.13 1.86
CA LYS B 55 -21.94 8.83 1.54
C LYS B 55 -21.69 7.65 0.62
N VAL B 56 -22.33 6.51 0.88
CA VAL B 56 -22.10 5.29 0.11
C VAL B 56 -23.27 4.77 -0.74
N ILE B 57 -22.97 4.38 -1.98
CA ILE B 57 -23.96 3.83 -2.90
C ILE B 57 -23.68 2.35 -2.96
N VAL B 58 -24.58 1.58 -2.37
CA VAL B 58 -24.50 0.12 -2.27
C VAL B 58 -25.13 -0.60 -3.47
N ASN B 59 -24.29 -1.10 -4.38
CA ASN B 59 -24.78 -1.84 -5.53
C ASN B 59 -24.97 -3.31 -5.15
N TYR B 60 -25.93 -3.97 -5.79
CA TYR B 60 -26.19 -5.39 -5.57
C TYR B 60 -26.83 -5.94 -6.84
N ALA B 61 -26.82 -7.25 -6.99
CA ALA B 61 -27.43 -7.84 -8.18
C ALA B 61 -28.61 -8.69 -7.74
N ASN B 62 -28.39 -9.50 -6.71
CA ASN B 62 -29.42 -10.39 -6.21
C ASN B 62 -29.87 -10.06 -4.79
N SER B 63 -28.92 -10.01 -3.85
CA SER B 63 -29.20 -9.73 -2.43
C SER B 63 -29.85 -8.38 -2.13
N THR B 64 -31.16 -8.30 -2.37
CA THR B 64 -31.94 -7.06 -2.15
C THR B 64 -32.15 -6.64 -0.70
N GLU B 65 -32.50 -7.62 0.13
CA GLU B 65 -32.74 -7.34 1.55
C GLU B 65 -31.43 -6.98 2.24
N SER B 66 -30.37 -7.73 1.95
CA SER B 66 -29.05 -7.48 2.54
C SER B 66 -28.58 -6.07 2.21
N ALA B 67 -28.83 -5.67 0.96
CA ALA B 67 -28.47 -4.35 0.48
C ALA B 67 -29.18 -3.26 1.29
N GLU B 68 -30.49 -3.41 1.48
CA GLU B 68 -31.26 -2.42 2.25
C GLU B 68 -30.77 -2.39 3.71
N GLU B 69 -30.25 -3.53 4.20
CA GLU B 69 -29.71 -3.64 5.55
C GLU B 69 -28.38 -2.90 5.68
N VAL B 70 -27.54 -2.97 4.64
CA VAL B 70 -26.26 -2.28 4.68
C VAL B 70 -26.53 -0.78 4.65
N VAL B 71 -27.49 -0.37 3.83
CA VAL B 71 -27.84 1.05 3.74
C VAL B 71 -28.30 1.62 5.10
N ALA B 72 -29.10 0.84 5.83
CA ALA B 72 -29.64 1.23 7.14
C ALA B 72 -28.53 1.33 8.20
N ALA B 73 -27.65 0.34 8.23
CA ALA B 73 -26.51 0.32 9.17
C ALA B 73 -25.59 1.50 8.95
N ILE B 74 -25.39 1.91 7.70
CA ILE B 74 -24.51 3.05 7.39
C ILE B 74 -25.13 4.37 7.90
N LYS B 75 -26.44 4.51 7.73
CA LYS B 75 -27.15 5.70 8.20
C LYS B 75 -27.05 5.71 9.72
N LYS B 76 -27.17 4.53 10.31
CA LYS B 76 -27.10 4.42 11.74
C LYS B 76 -25.75 4.94 12.26
N ASN B 77 -24.67 4.73 11.50
CA ASN B 77 -23.35 5.19 11.90
C ASN B 77 -23.06 6.66 11.60
N GLY B 78 -24.01 7.38 11.02
CA GLY B 78 -23.78 8.80 10.78
C GLY B 78 -23.56 9.31 9.38
N SER B 79 -23.68 8.43 8.38
CA SER B 79 -23.49 8.78 6.96
C SER B 79 -24.69 8.35 6.14
N ASP B 80 -24.96 9.08 5.07
CA ASP B 80 -26.06 8.75 4.16
C ASP B 80 -25.64 7.61 3.25
N ALA B 81 -26.61 6.85 2.77
CA ALA B 81 -26.34 5.71 1.88
C ALA B 81 -27.59 5.41 1.08
N ALA B 82 -27.43 4.67 -0.02
CA ALA B 82 -28.54 4.27 -0.90
C ALA B 82 -28.12 3.06 -1.72
N CYS B 83 -29.05 2.21 -2.11
CA CYS B 83 -28.71 1.04 -2.90
C CYS B 83 -29.19 1.16 -4.35
N VAL B 84 -28.52 0.46 -5.26
CA VAL B 84 -28.84 0.47 -6.70
C VAL B 84 -28.61 -0.93 -7.25
N LYS B 85 -29.61 -1.46 -7.95
CA LYS B 85 -29.50 -2.79 -8.54
C LYS B 85 -28.87 -2.77 -9.94
N ALA B 86 -27.91 -3.65 -10.16
CA ALA B 86 -27.24 -3.76 -11.44
C ALA B 86 -26.38 -5.00 -11.48
N ASN B 87 -26.45 -5.69 -12.60
CA ASN B 87 -25.68 -6.90 -12.84
C ASN B 87 -24.54 -6.47 -13.77
N VAL B 88 -23.29 -6.68 -13.31
CA VAL B 88 -22.12 -6.29 -14.08
C VAL B 88 -21.90 -7.08 -15.37
N GLY B 89 -22.57 -8.24 -15.46
CA GLY B 89 -22.46 -9.06 -16.66
C GLY B 89 -23.24 -8.47 -17.81
N VAL B 90 -23.85 -7.30 -17.62
CA VAL B 90 -24.66 -6.62 -18.64
C VAL B 90 -24.24 -5.15 -18.66
N VAL B 91 -23.49 -4.76 -19.69
CA VAL B 91 -22.99 -3.41 -19.82
C VAL B 91 -24.02 -2.31 -19.67
N GLU B 92 -25.25 -2.60 -20.06
CA GLU B 92 -26.36 -1.64 -19.98
C GLU B 92 -26.78 -1.35 -18.53
N ASP B 93 -26.68 -2.36 -17.66
CA ASP B 93 -27.00 -2.21 -16.24
C ASP B 93 -25.96 -1.33 -15.58
N ILE B 94 -24.72 -1.51 -16.02
CA ILE B 94 -23.60 -0.74 -15.52
C ILE B 94 -23.74 0.70 -15.96
N VAL B 95 -24.18 0.92 -17.19
CA VAL B 95 -24.34 2.27 -17.70
C VAL B 95 -25.41 3.03 -16.92
N ARG B 96 -26.54 2.38 -16.66
CA ARG B 96 -27.60 3.06 -15.93
C ARG B 96 -27.32 3.20 -14.44
N MET B 97 -26.65 2.19 -13.84
CA MET B 97 -26.31 2.25 -12.43
C MET B 97 -25.54 3.53 -12.13
N PHE B 98 -24.60 3.88 -13.01
CA PHE B 98 -23.79 5.07 -12.84
C PHE B 98 -24.57 6.34 -13.06
N GLU B 99 -25.57 6.27 -13.92
CA GLU B 99 -26.40 7.44 -14.19
C GLU B 99 -27.35 7.69 -13.02
N GLU B 100 -27.78 6.62 -12.37
CA GLU B 100 -28.66 6.72 -11.21
C GLU B 100 -27.80 7.28 -10.09
N ALA B 101 -26.64 6.65 -9.89
CA ALA B 101 -25.71 7.03 -8.84
C ALA B 101 -25.42 8.51 -8.72
N VAL B 102 -25.08 9.17 -9.83
CA VAL B 102 -24.74 10.58 -9.75
C VAL B 102 -25.94 11.44 -9.43
N LYS B 103 -27.14 10.90 -9.65
CA LYS B 103 -28.38 11.62 -9.35
C LYS B 103 -28.69 11.56 -7.85
N ILE B 104 -28.27 10.48 -7.21
CA ILE B 104 -28.49 10.27 -5.78
C ILE B 104 -27.79 11.27 -4.88
N PHE B 105 -26.47 11.42 -5.04
CA PHE B 105 -25.72 12.36 -4.21
C PHE B 105 -25.09 13.53 -4.99
N GLY B 106 -25.25 13.54 -6.30
CA GLY B 106 -24.74 14.64 -7.11
C GLY B 106 -23.34 14.57 -7.69
N LYS B 107 -22.58 13.55 -7.29
CA LYS B 107 -21.21 13.37 -7.76
C LYS B 107 -20.66 12.03 -7.30
N LEU B 108 -19.47 11.69 -7.77
CA LEU B 108 -18.85 10.43 -7.44
C LEU B 108 -17.33 10.62 -7.28
N ASP B 109 -16.83 10.35 -6.08
CA ASP B 109 -15.40 10.51 -5.77
C ASP B 109 -14.58 9.22 -5.73
N ILE B 110 -15.19 8.13 -5.30
CA ILE B 110 -14.49 6.84 -5.17
C ILE B 110 -15.32 5.70 -5.72
N VAL B 111 -14.68 4.80 -6.45
CA VAL B 111 -15.37 3.63 -7.00
C VAL B 111 -14.58 2.40 -6.65
N CYS B 112 -15.25 1.45 -6.01
CA CYS B 112 -14.64 0.19 -5.63
C CYS B 112 -15.32 -0.94 -6.41
N SER B 113 -14.60 -1.48 -7.41
CA SER B 113 -15.04 -2.58 -8.27
C SER B 113 -14.74 -3.84 -7.47
N ASN B 114 -15.76 -4.35 -6.78
CA ASN B 114 -15.62 -5.51 -5.90
C ASN B 114 -16.30 -6.82 -6.35
N SER B 115 -17.44 -6.71 -7.02
CA SER B 115 -18.19 -7.92 -7.45
C SER B 115 -17.33 -9.02 -8.09
N GLY B 116 -17.60 -10.27 -7.73
CA GLY B 116 -16.85 -11.39 -8.30
C GLY B 116 -17.41 -12.74 -7.93
N VAL B 117 -17.08 -13.75 -8.72
CA VAL B 117 -17.50 -15.14 -8.48
C VAL B 117 -16.27 -16.04 -8.48
N VAL B 118 -16.38 -17.21 -7.87
CA VAL B 118 -15.26 -18.13 -7.81
C VAL B 118 -15.52 -19.39 -8.62
N SER B 119 -14.46 -20.15 -8.89
CA SER B 119 -14.60 -21.35 -9.71
C SER B 119 -13.37 -22.26 -9.58
N PHE B 120 -13.61 -23.56 -9.55
CA PHE B 120 -12.54 -24.55 -9.42
C PHE B 120 -12.78 -25.70 -10.40
N GLY B 121 -11.71 -26.19 -11.02
CA GLY B 121 -11.82 -27.29 -11.95
C GLY B 121 -10.55 -27.48 -12.77
N HIS B 122 -10.17 -28.74 -12.97
CA HIS B 122 -8.99 -29.12 -13.78
C HIS B 122 -9.21 -28.55 -15.18
N VAL B 123 -8.15 -28.06 -15.80
CA VAL B 123 -8.23 -27.49 -17.16
C VAL B 123 -8.97 -28.40 -18.15
N LYS B 124 -8.73 -29.70 -18.07
CA LYS B 124 -9.36 -30.64 -18.96
C LYS B 124 -10.87 -30.67 -18.89
N ASP B 125 -11.42 -30.18 -17.78
CA ASP B 125 -12.86 -30.20 -17.55
C ASP B 125 -13.59 -28.90 -17.76
N VAL B 126 -12.87 -27.82 -18.00
CA VAL B 126 -13.54 -26.56 -18.18
C VAL B 126 -14.38 -26.44 -19.45
N THR B 127 -15.64 -26.04 -19.28
CA THR B 127 -16.58 -25.86 -20.37
C THR B 127 -16.57 -24.39 -20.77
N PRO B 128 -16.95 -24.07 -22.02
CA PRO B 128 -16.97 -22.68 -22.45
C PRO B 128 -18.00 -21.85 -21.70
N GLU B 129 -19.04 -22.50 -21.21
CA GLU B 129 -20.09 -21.81 -20.46
C GLU B 129 -19.53 -21.35 -19.10
N GLU B 130 -18.82 -22.24 -18.41
CA GLU B 130 -18.23 -21.88 -17.12
C GLU B 130 -17.16 -20.80 -17.29
N PHE B 131 -16.30 -20.95 -18.32
CA PHE B 131 -15.24 -19.99 -18.61
C PHE B 131 -15.83 -18.61 -18.85
N ASP B 132 -16.90 -18.55 -19.62
CA ASP B 132 -17.57 -17.29 -19.91
C ASP B 132 -18.28 -16.69 -18.70
N ARG B 133 -18.85 -17.57 -17.88
CA ARG B 133 -19.58 -17.19 -16.65
C ARG B 133 -18.66 -16.32 -15.79
N VAL B 134 -17.48 -16.86 -15.51
CA VAL B 134 -16.45 -16.24 -14.69
C VAL B 134 -15.82 -14.96 -15.26
N PHE B 135 -15.37 -15.02 -16.51
CA PHE B 135 -14.73 -13.88 -17.18
C PHE B 135 -15.65 -12.68 -17.42
N THR B 136 -16.93 -12.95 -17.68
CA THR B 136 -17.90 -11.89 -17.93
C THR B 136 -18.07 -11.01 -16.70
N ILE B 137 -17.98 -11.64 -15.52
CA ILE B 137 -18.11 -10.93 -14.23
C ILE B 137 -16.77 -10.43 -13.68
N ASN B 138 -15.83 -11.35 -13.43
CA ASN B 138 -14.53 -10.98 -12.86
C ASN B 138 -13.60 -10.11 -13.67
N THR B 139 -13.72 -10.17 -15.00
CA THR B 139 -12.84 -9.43 -15.93
C THR B 139 -13.55 -8.40 -16.81
N ARG B 140 -14.50 -8.87 -17.62
CA ARG B 140 -15.28 -8.00 -18.49
C ARG B 140 -16.12 -7.00 -17.67
N GLY B 141 -16.74 -7.50 -16.59
CA GLY B 141 -17.54 -6.65 -15.71
C GLY B 141 -16.73 -5.53 -15.06
N GLN B 142 -15.59 -5.89 -14.47
CA GLN B 142 -14.70 -4.90 -13.83
C GLN B 142 -14.22 -3.88 -14.85
N PHE B 143 -13.99 -4.34 -16.09
CA PHE B 143 -13.51 -3.45 -17.16
C PHE B 143 -14.56 -2.41 -17.48
N PHE B 144 -15.80 -2.85 -17.63
CA PHE B 144 -16.84 -1.88 -17.94
C PHE B 144 -17.26 -1.02 -16.75
N VAL B 145 -17.17 -1.57 -15.53
CA VAL B 145 -17.45 -0.74 -14.36
C VAL B 145 -16.38 0.38 -14.37
N ALA B 146 -15.14 0.02 -14.71
CA ALA B 146 -14.04 0.99 -14.76
C ALA B 146 -14.23 2.04 -15.84
N ARG B 147 -14.79 1.64 -16.99
CA ARG B 147 -15.04 2.56 -18.10
C ARG B 147 -16.00 3.67 -17.67
N GLU B 148 -17.14 3.25 -17.11
CA GLU B 148 -18.18 4.16 -16.61
C GLU B 148 -17.68 5.01 -15.44
N ALA B 149 -16.85 4.40 -14.61
CA ALA B 149 -16.25 5.09 -13.47
C ALA B 149 -15.44 6.27 -13.99
N TYR B 150 -14.61 6.02 -15.00
CA TYR B 150 -13.77 7.08 -15.60
C TYR B 150 -14.60 8.28 -16.04
N LYS B 151 -15.69 8.00 -16.75
CA LYS B 151 -16.58 9.03 -17.26
C LYS B 151 -17.26 9.85 -16.18
N HIS B 152 -17.64 9.19 -15.08
CA HIS B 152 -18.36 9.85 -13.99
C HIS B 152 -17.59 10.42 -12.80
N LEU B 153 -16.36 9.94 -12.56
CA LEU B 153 -15.55 10.41 -11.43
C LEU B 153 -15.12 11.87 -11.44
N GLU B 154 -14.96 12.42 -10.25
CA GLU B 154 -14.51 13.80 -10.10
C GLU B 154 -13.03 13.81 -10.48
N ILE B 155 -12.52 14.94 -10.92
CA ILE B 155 -11.11 15.03 -11.23
C ILE B 155 -10.39 14.86 -9.88
N GLY B 156 -9.44 13.94 -9.83
CA GLY B 156 -8.74 13.66 -8.59
C GLY B 156 -9.39 12.46 -7.91
N GLY B 157 -10.26 11.77 -8.67
CA GLY B 157 -10.99 10.63 -8.16
C GLY B 157 -10.15 9.42 -7.90
N ARG B 158 -10.82 8.33 -7.53
CA ARG B 158 -10.16 7.07 -7.20
C ARG B 158 -10.91 5.89 -7.79
N LEU B 159 -10.16 4.85 -8.18
CA LEU B 159 -10.74 3.63 -8.70
C LEU B 159 -9.89 2.49 -8.18
N ILE B 160 -10.50 1.61 -7.38
CA ILE B 160 -9.81 0.47 -6.80
C ILE B 160 -10.42 -0.81 -7.34
N LEU B 161 -9.62 -1.62 -8.03
CA LEU B 161 -10.09 -2.86 -8.61
C LEU B 161 -9.80 -4.00 -7.67
N MET B 162 -10.55 -5.08 -7.81
CA MET B 162 -10.39 -6.25 -6.96
C MET B 162 -9.70 -7.44 -7.63
N GLY B 163 -8.48 -7.72 -7.17
CA GLY B 163 -7.71 -8.83 -7.66
C GLY B 163 -7.74 -10.02 -6.72
N SER B 164 -6.60 -10.66 -6.52
CA SER B 164 -6.51 -11.82 -5.65
C SER B 164 -5.11 -12.35 -5.63
N ILE B 165 -4.78 -13.08 -4.58
CA ILE B 165 -3.46 -13.70 -4.46
C ILE B 165 -3.27 -14.72 -5.61
N THR B 166 -4.39 -15.24 -6.14
CA THR B 166 -4.38 -16.23 -7.22
C THR B 166 -3.78 -15.74 -8.55
N GLY B 167 -3.76 -14.43 -8.77
CA GLY B 167 -3.17 -13.86 -9.98
C GLY B 167 -1.69 -14.23 -10.10
N GLN B 168 -1.00 -14.36 -8.97
CA GLN B 168 0.43 -14.73 -8.92
C GLN B 168 0.73 -16.07 -8.21
N ALA B 169 -0.25 -16.64 -7.51
CA ALA B 169 -0.05 -17.89 -6.78
C ALA B 169 0.59 -18.97 -7.64
N LYS B 170 1.26 -19.93 -7.00
CA LYS B 170 1.93 -21.00 -7.73
C LYS B 170 1.60 -22.42 -7.28
N ALA B 171 0.76 -22.58 -6.26
CA ALA B 171 0.46 -23.94 -5.81
C ALA B 171 -1.01 -24.34 -5.72
N VAL B 172 -1.90 -23.48 -6.16
CA VAL B 172 -3.31 -23.83 -6.15
C VAL B 172 -3.68 -24.57 -7.45
N PRO B 173 -3.97 -25.88 -7.37
CA PRO B 173 -4.34 -26.65 -8.57
C PRO B 173 -5.80 -26.46 -8.98
N LYS B 174 -6.10 -26.81 -10.22
CA LYS B 174 -7.45 -26.71 -10.74
C LYS B 174 -8.04 -25.33 -10.55
N HIS B 175 -7.28 -24.27 -10.84
CA HIS B 175 -7.77 -22.93 -10.60
C HIS B 175 -7.40 -21.90 -11.67
N ALA B 176 -7.15 -22.38 -12.89
CA ALA B 176 -6.74 -21.52 -14.00
C ALA B 176 -7.75 -20.47 -14.41
N VAL B 177 -9.01 -20.86 -14.55
CA VAL B 177 -10.05 -19.92 -14.96
C VAL B 177 -10.13 -18.72 -14.02
N TYR B 178 -10.46 -18.97 -12.74
CA TYR B 178 -10.56 -17.90 -11.76
C TYR B 178 -9.25 -17.11 -11.64
N SER B 179 -8.13 -17.84 -11.49
CA SER B 179 -6.83 -17.19 -11.35
C SER B 179 -6.53 -16.26 -12.52
N GLY B 180 -6.82 -16.73 -13.74
CA GLY B 180 -6.57 -15.91 -14.92
C GLY B 180 -7.45 -14.68 -15.02
N SER B 181 -8.70 -14.79 -14.57
CA SER B 181 -9.62 -13.65 -14.59
C SER B 181 -9.14 -12.56 -13.66
N LYS B 182 -8.48 -12.96 -12.58
CA LYS B 182 -7.94 -12.00 -11.59
C LYS B 182 -6.57 -11.47 -12.00
N GLY B 183 -5.76 -12.32 -12.65
CA GLY B 183 -4.44 -11.91 -13.13
C GLY B 183 -4.55 -10.78 -14.14
N ALA B 184 -5.58 -10.83 -14.99
CA ALA B 184 -5.82 -9.80 -16.01
C ALA B 184 -6.02 -8.41 -15.39
N ILE B 185 -6.57 -8.38 -14.16
CA ILE B 185 -6.84 -7.12 -13.44
C ILE B 185 -5.60 -6.35 -13.05
N GLU B 186 -4.53 -7.07 -12.72
CA GLU B 186 -3.25 -6.45 -12.39
C GLU B 186 -2.72 -5.66 -13.60
N THR B 187 -2.88 -6.24 -14.80
CA THR B 187 -2.45 -5.58 -16.04
C THR B 187 -3.36 -4.36 -16.34
N PHE B 188 -4.67 -4.50 -16.11
CA PHE B 188 -5.59 -3.38 -16.32
C PHE B 188 -5.13 -2.17 -15.48
N ALA B 189 -4.82 -2.42 -14.21
CA ALA B 189 -4.38 -1.34 -13.31
C ALA B 189 -3.29 -0.50 -13.91
N ARG B 190 -2.23 -1.16 -14.37
CA ARG B 190 -1.10 -0.46 -15.02
C ARG B 190 -1.53 0.34 -16.25
N CYS B 191 -2.29 -0.31 -17.14
CA CYS B 191 -2.75 0.34 -18.36
C CYS B 191 -3.80 1.42 -18.16
N MET B 192 -4.75 1.18 -17.26
CA MET B 192 -5.79 2.16 -16.96
C MET B 192 -5.23 3.34 -16.16
N ALA B 193 -4.16 3.08 -15.38
CA ALA B 193 -3.52 4.14 -14.59
C ALA B 193 -3.02 5.25 -15.53
N ILE B 194 -2.59 4.85 -16.73
CA ILE B 194 -2.09 5.80 -17.74
C ILE B 194 -3.23 6.61 -18.32
N ASP B 195 -4.23 5.93 -18.89
CA ASP B 195 -5.39 6.62 -19.49
C ASP B 195 -6.18 7.52 -18.53
N MET B 196 -6.53 6.97 -17.36
CA MET B 196 -7.34 7.70 -16.39
C MET B 196 -6.65 8.87 -15.71
N ALA B 197 -5.33 8.94 -15.84
CA ALA B 197 -4.55 10.02 -15.25
C ALA B 197 -4.84 11.38 -15.92
N ASP B 198 -5.51 11.36 -17.07
CA ASP B 198 -5.82 12.61 -17.74
C ASP B 198 -6.90 13.35 -16.94
N LYS B 199 -7.50 12.63 -15.98
CA LYS B 199 -8.50 13.19 -15.06
C LYS B 199 -8.01 13.14 -13.60
N LYS B 200 -6.69 12.97 -13.45
CA LYS B 200 -6.01 12.90 -12.16
C LYS B 200 -6.58 11.81 -11.28
N ILE B 201 -7.08 10.76 -11.90
CA ILE B 201 -7.65 9.64 -11.18
C ILE B 201 -6.58 8.56 -11.01
N THR B 202 -6.48 7.98 -9.81
CA THR B 202 -5.52 6.91 -9.59
C THR B 202 -6.28 5.61 -9.74
N VAL B 203 -5.57 4.55 -10.14
CA VAL B 203 -6.15 3.23 -10.32
C VAL B 203 -5.21 2.19 -9.73
N ASN B 204 -5.68 1.41 -8.76
CA ASN B 204 -4.84 0.37 -8.15
C ASN B 204 -5.67 -0.87 -7.99
N VAL B 205 -5.02 -1.98 -7.66
CA VAL B 205 -5.66 -3.27 -7.48
C VAL B 205 -5.32 -3.80 -6.10
N VAL B 206 -6.34 -4.26 -5.37
CA VAL B 206 -6.10 -4.86 -4.06
C VAL B 206 -6.08 -6.37 -4.30
N ALA B 207 -5.07 -7.05 -3.80
CA ALA B 207 -4.97 -8.49 -3.99
C ALA B 207 -4.96 -9.22 -2.64
N PRO B 208 -6.16 -9.50 -2.09
CA PRO B 208 -6.25 -10.19 -0.80
C PRO B 208 -5.95 -11.67 -0.83
N GLY B 209 -5.58 -12.20 0.34
CA GLY B 209 -5.37 -13.63 0.47
C GLY B 209 -6.74 -14.14 0.89
N GLY B 210 -6.84 -15.34 1.45
CA GLY B 210 -8.15 -15.81 1.92
C GLY B 210 -8.75 -14.87 2.97
N ILE B 211 -10.01 -14.50 2.79
CA ILE B 211 -10.74 -13.62 3.71
C ILE B 211 -12.05 -14.34 4.05
N LYS B 212 -12.43 -14.37 5.33
CA LYS B 212 -13.66 -15.08 5.75
C LYS B 212 -14.94 -14.42 5.29
N THR B 213 -15.57 -15.02 4.28
CA THR B 213 -16.83 -14.53 3.70
C THR B 213 -17.61 -15.76 3.27
N ASP B 214 -18.72 -15.53 2.59
CA ASP B 214 -19.52 -16.64 2.06
C ASP B 214 -18.69 -17.39 1.03
N MET B 215 -17.91 -16.64 0.25
CA MET B 215 -17.05 -17.25 -0.78
C MET B 215 -16.11 -18.20 -0.09
N TYR B 216 -15.45 -17.69 0.96
CA TYR B 216 -14.52 -18.49 1.75
C TYR B 216 -15.17 -19.75 2.31
N HIS B 217 -16.38 -19.61 2.85
CA HIS B 217 -17.04 -20.78 3.41
C HIS B 217 -17.35 -21.84 2.40
N ALA B 218 -17.66 -21.44 1.17
CA ALA B 218 -17.98 -22.39 0.11
C ALA B 218 -16.80 -23.14 -0.52
N VAL B 219 -15.66 -22.48 -0.74
CA VAL B 219 -14.54 -23.15 -1.39
C VAL B 219 -13.19 -23.21 -0.67
N CYS B 220 -13.15 -22.83 0.60
CA CYS B 220 -11.89 -22.84 1.35
C CYS B 220 -11.12 -24.15 1.25
N ARG B 221 -11.81 -25.28 1.39
CA ARG B 221 -11.16 -26.58 1.34
C ARG B 221 -10.54 -26.96 -0.01
N GLU B 222 -10.89 -26.21 -1.06
CA GLU B 222 -10.36 -26.47 -2.39
C GLU B 222 -8.89 -26.00 -2.46
N TYR B 223 -8.51 -25.14 -1.53
CA TYR B 223 -7.15 -24.61 -1.46
C TYR B 223 -6.33 -25.38 -0.45
N ILE B 224 -6.91 -26.42 0.12
CA ILE B 224 -6.24 -27.20 1.15
C ILE B 224 -6.11 -28.63 0.72
N PRO B 225 -4.85 -29.11 0.59
CA PRO B 225 -4.54 -30.48 0.18
C PRO B 225 -5.14 -31.43 1.18
N ASN B 226 -5.99 -32.32 0.68
CA ASN B 226 -6.66 -33.31 1.53
C ASN B 226 -7.50 -32.64 2.63
N GLY B 227 -8.16 -31.54 2.28
CA GLY B 227 -8.96 -30.84 3.26
C GLY B 227 -10.46 -31.01 3.15
N GLU B 228 -10.91 -31.96 2.32
CA GLU B 228 -12.34 -32.20 2.14
C GLU B 228 -13.09 -32.52 3.44
N ASN B 229 -12.43 -33.25 4.34
CA ASN B 229 -13.02 -33.65 5.62
C ASN B 229 -12.67 -32.75 6.80
N LEU B 230 -12.18 -31.54 6.54
CA LEU B 230 -11.84 -30.66 7.65
C LEU B 230 -13.09 -29.98 8.20
N SER B 231 -13.11 -29.77 9.51
CA SER B 231 -14.22 -29.10 10.17
C SER B 231 -13.95 -27.64 9.94
N ASN B 232 -14.98 -26.80 10.08
CA ASN B 232 -14.82 -25.37 9.91
C ASN B 232 -13.76 -24.84 10.84
N GLU B 233 -13.69 -25.43 12.03
CA GLU B 233 -12.73 -25.04 13.04
C GLU B 233 -11.32 -25.35 12.54
N GLU B 234 -11.15 -26.53 11.94
CA GLU B 234 -9.85 -26.96 11.43
C GLU B 234 -9.39 -26.19 10.20
N VAL B 235 -10.34 -25.77 9.37
CA VAL B 235 -10.05 -25.00 8.18
C VAL B 235 -9.39 -23.68 8.58
N ASP B 236 -9.98 -23.01 9.58
CA ASP B 236 -9.44 -21.72 10.09
C ASP B 236 -8.05 -21.84 10.73
N GLU B 237 -7.77 -22.97 11.37
CA GLU B 237 -6.46 -23.18 11.99
C GLU B 237 -5.43 -23.29 10.88
N TYR B 238 -5.77 -24.06 9.84
CA TYR B 238 -4.90 -24.25 8.68
C TYR B 238 -4.64 -22.90 8.05
N ALA B 239 -5.71 -22.16 7.77
CA ALA B 239 -5.59 -20.84 7.16
C ALA B 239 -4.69 -19.92 7.98
N ALA B 240 -4.83 -19.98 9.30
CA ALA B 240 -4.08 -19.14 10.24
C ALA B 240 -2.59 -19.50 10.36
N VAL B 241 -2.31 -20.79 10.46
CA VAL B 241 -0.95 -21.27 10.59
C VAL B 241 -0.24 -21.38 9.24
N GLN B 242 -0.94 -21.89 8.22
CA GLN B 242 -0.35 -22.08 6.89
C GLN B 242 -0.21 -20.85 6.00
N TRP B 243 -1.20 -19.98 5.97
CA TRP B 243 -1.12 -18.83 5.09
C TRP B 243 -0.66 -17.52 5.69
N SER B 244 -0.12 -17.55 6.92
CA SER B 244 0.35 -16.31 7.56
C SER B 244 1.24 -16.49 8.76
N PRO B 245 2.42 -15.84 8.74
CA PRO B 245 3.39 -15.91 9.84
C PRO B 245 2.79 -15.22 11.10
N LEU B 246 1.84 -14.32 10.88
CA LEU B 246 1.16 -13.59 11.94
C LEU B 246 0.16 -14.49 12.68
N ARG B 247 -0.06 -15.68 12.12
CA ARG B 247 -0.94 -16.70 12.70
C ARG B 247 -2.39 -16.36 13.01
N ARG B 248 -3.11 -15.86 12.03
CA ARG B 248 -4.53 -15.55 12.16
C ARG B 248 -5.16 -15.56 10.76
N VAL B 249 -6.49 -15.59 10.70
CA VAL B 249 -7.24 -15.60 9.46
C VAL B 249 -7.52 -14.19 8.99
N GLY B 250 -7.64 -14.00 7.68
CA GLY B 250 -7.93 -12.68 7.15
C GLY B 250 -9.40 -12.34 7.29
N LEU B 251 -9.70 -11.06 7.45
CA LEU B 251 -11.08 -10.63 7.63
C LEU B 251 -11.39 -9.44 6.74
N PRO B 252 -12.66 -9.28 6.37
CA PRO B 252 -13.05 -8.17 5.52
C PRO B 252 -12.49 -6.80 5.91
N ILE B 253 -12.42 -6.51 7.21
CA ILE B 253 -11.91 -5.21 7.68
C ILE B 253 -10.43 -5.01 7.28
N ASP B 254 -9.68 -6.11 7.20
CA ASP B 254 -8.28 -6.07 6.79
C ASP B 254 -8.12 -5.42 5.41
N ILE B 255 -9.10 -5.69 4.53
CA ILE B 255 -9.12 -5.16 3.17
C ILE B 255 -9.75 -3.76 3.12
N ALA B 256 -10.85 -3.58 3.85
CA ALA B 256 -11.53 -2.31 3.87
C ALA B 256 -10.61 -1.17 4.28
N ARG B 257 -9.73 -1.45 5.25
CA ARG B 257 -8.77 -0.46 5.72
C ARG B 257 -7.81 0.01 4.63
N VAL B 258 -7.27 -0.94 3.86
CA VAL B 258 -6.34 -0.58 2.78
C VAL B 258 -7.08 0.18 1.66
N VAL B 259 -8.32 -0.21 1.39
CA VAL B 259 -9.12 0.47 0.37
C VAL B 259 -9.29 1.94 0.76
N CYS B 260 -9.54 2.18 2.05
CA CYS B 260 -9.73 3.56 2.54
C CYS B 260 -8.45 4.39 2.37
N PHE B 261 -7.29 3.79 2.65
CA PHE B 261 -6.01 4.47 2.47
C PHE B 261 -5.85 4.89 1.00
N LEU B 262 -6.03 3.95 0.08
CA LEU B 262 -5.90 4.27 -1.35
C LEU B 262 -6.86 5.36 -1.77
N ALA B 263 -8.08 5.30 -1.21
CA ALA B 263 -9.13 6.28 -1.52
C ALA B 263 -8.86 7.69 -1.00
N SER B 264 -7.96 7.81 -0.02
CA SER B 264 -7.61 9.11 0.56
C SER B 264 -6.45 9.78 -0.13
N ASN B 265 -6.13 10.99 0.31
CA ASN B 265 -5.04 11.76 -0.23
C ASN B 265 -3.70 11.08 0.07
N ASP B 266 -3.67 10.27 1.12
CA ASP B 266 -2.45 9.54 1.50
C ASP B 266 -1.95 8.64 0.36
N GLY B 267 -2.86 8.25 -0.53
CA GLY B 267 -2.52 7.37 -1.64
C GLY B 267 -2.36 8.10 -2.96
N GLY B 268 -2.18 9.42 -2.90
CA GLY B 268 -2.05 10.25 -4.10
C GLY B 268 -0.91 9.91 -5.07
N TRP B 269 0.18 9.35 -4.58
CA TRP B 269 1.29 9.01 -5.45
C TRP B 269 1.35 7.49 -5.73
N VAL B 270 0.33 6.77 -5.26
CA VAL B 270 0.24 5.34 -5.49
C VAL B 270 -0.79 5.11 -6.61
N THR B 271 -0.30 4.72 -7.79
CA THR B 271 -1.14 4.44 -8.95
C THR B 271 -0.45 3.42 -9.84
N GLY B 272 -1.24 2.59 -10.51
CA GLY B 272 -0.69 1.54 -11.35
C GLY B 272 -0.09 0.40 -10.54
N LYS B 273 -0.45 0.32 -9.26
CA LYS B 273 0.10 -0.70 -8.40
C LYS B 273 -0.86 -1.81 -7.97
N VAL B 274 -0.26 -2.92 -7.56
CA VAL B 274 -0.95 -4.09 -7.07
C VAL B 274 -0.55 -4.19 -5.59
N ILE B 275 -1.51 -3.95 -4.67
CA ILE B 275 -1.24 -4.02 -3.21
C ILE B 275 -1.69 -5.36 -2.63
N GLY B 276 -0.74 -6.22 -2.26
CA GLY B 276 -1.09 -7.52 -1.70
C GLY B 276 -1.44 -7.42 -0.21
N ILE B 277 -2.61 -7.96 0.16
CA ILE B 277 -3.10 -7.93 1.55
C ILE B 277 -3.48 -9.35 1.94
N ASP B 278 -2.49 -10.09 2.42
CA ASP B 278 -2.66 -11.48 2.75
C ASP B 278 -1.88 -11.94 3.98
N GLY B 279 -1.36 -10.99 4.76
CA GLY B 279 -0.59 -11.33 5.94
C GLY B 279 0.72 -12.12 5.71
N GLY B 280 1.39 -11.85 4.59
CA GLY B 280 2.64 -12.52 4.26
C GLY B 280 2.46 -13.96 3.79
N ALA B 281 1.36 -14.24 3.11
CA ALA B 281 1.05 -15.59 2.62
C ALA B 281 1.91 -16.01 1.45
N CYS B 282 2.04 -17.32 1.32
CA CYS B 282 2.78 -17.91 0.22
C CYS B 282 1.88 -19.00 -0.35
N MET B 283 1.25 -18.72 -1.48
CA MET B 283 0.33 -19.67 -2.10
C MET B 283 0.62 -19.93 -3.57
#